data_9QNJ
#
_entry.id   9QNJ
#
_cell.length_a   82.610
_cell.length_b   112.429
_cell.length_c   62.955
_cell.angle_alpha   90.00
_cell.angle_beta   90.00
_cell.angle_gamma   90.00
#
_symmetry.space_group_name_H-M   'C 2 2 21'
#
loop_
_entity.id
_entity.type
_entity.pdbx_description
1 polymer '14-3-3 protein sigma'
2 polymer 'Tau pS198 peptide'
3 non-polymer 'CHLORIDE ION'
4 non-polymer 'CALCIUM ION'
5 water water
#
loop_
_entity_poly.entity_id
_entity_poly.type
_entity_poly.pdbx_seq_one_letter_code
_entity_poly.pdbx_strand_id
1 'polypeptide(L)'
;GAMGSMERASLIQKAKLAEQAERYEDMAAFMKGAVEKGEELSCEERNLLSVAYKNVVGGQRAAWRVLSSIEQKSNEEGSE
EKGPEVREYREKVETELQGVCDTVLGLLDSHLIKEAGDAESRVFYLKMKGDYYRYLAEVATGDDKKRIIDSARSAYQEAM
DISKKEMPPTNPIRLGLALNFSVFHYEIANSPEEAISLAKTTFDEAMADLHTLSEDSYKDSTLIMQLLRDNLTLWT
;
A
2 'polypeptide(L)' DRSGY(SEP)SP P
#
loop_
_chem_comp.id
_chem_comp.type
_chem_comp.name
_chem_comp.formula
CA non-polymer 'CALCIUM ION' 'Ca 2'
CL non-polymer 'CHLORIDE ION' 'Cl -1'
#
# COMPACT_ATOMS: atom_id res chain seq x y z
N GLY A 1 -14.63 19.99 7.09
CA GLY A 1 -14.29 18.68 7.60
C GLY A 1 -15.00 18.50 8.93
N ALA A 2 -15.59 17.30 9.10
CA ALA A 2 -16.30 16.96 10.31
C ALA A 2 -15.35 16.96 11.50
N MET A 3 -14.03 16.74 11.28
CA MET A 3 -13.08 16.77 12.38
C MET A 3 -12.44 18.13 12.64
N GLY A 4 -12.90 19.20 11.96
CA GLY A 4 -12.29 20.51 12.06
C GLY A 4 -12.35 21.14 13.45
N SER A 5 -13.35 20.76 14.24
CA SER A 5 -13.48 21.27 15.59
C SER A 5 -12.73 20.51 16.67
N MET A 6 -12.13 19.37 16.33
CA MET A 6 -11.45 18.56 17.32
C MET A 6 -9.96 18.87 17.34
N GLU A 7 -9.40 18.95 18.54
CA GLU A 7 -7.95 19.12 18.68
C GLU A 7 -7.14 18.04 17.96
N ARG A 8 -6.01 18.44 17.38
CA ARG A 8 -5.08 17.49 16.78
C ARG A 8 -4.74 16.34 17.73
N ALA A 9 -4.38 16.68 18.98
CA ALA A 9 -3.93 15.63 19.89
C ALA A 9 -5.07 14.68 20.22
N SER A 10 -6.30 15.19 20.32
CA SER A 10 -7.48 14.37 20.58
C SER A 10 -7.79 13.42 19.42
N LEU A 11 -7.58 13.91 18.18
CA LEU A 11 -7.72 13.06 17.00
C LEU A 11 -6.75 11.89 17.02
N ILE A 12 -5.49 12.17 17.38
CA ILE A 12 -4.49 11.13 17.46
C ILE A 12 -4.83 10.12 18.58
N GLN A 13 -5.24 10.65 19.74
CA GLN A 13 -5.64 9.78 20.84
C GLN A 13 -6.79 8.86 20.44
N LYS A 14 -7.80 9.42 19.75
CA LYS A 14 -8.94 8.64 19.32
C LYS A 14 -8.60 7.64 18.20
N ALA A 15 -7.66 8.00 17.32
CA ALA A 15 -7.19 7.03 16.33
C ALA A 15 -6.61 5.79 17.01
N LYS A 16 -5.84 6.00 18.09
CA LYS A 16 -5.27 4.88 18.80
C LYS A 16 -6.36 4.03 19.46
N LEU A 17 -7.35 4.67 20.06
CA LEU A 17 -8.49 3.95 20.62
C LEU A 17 -9.24 3.14 19.57
N ALA A 18 -9.48 3.77 18.40
CA ALA A 18 -10.16 3.10 17.32
C ALA A 18 -9.40 1.88 16.82
N GLU A 19 -8.06 1.97 16.79
CA GLU A 19 -7.26 0.81 16.44
C GLU A 19 -7.48 -0.33 17.44
N GLN A 20 -7.45 -0.02 18.74
CA GLN A 20 -7.66 -1.04 19.76
C GLN A 20 -9.04 -1.70 19.64
N ALA A 21 -10.05 -0.90 19.24
CA ALA A 21 -11.40 -1.39 19.06
C ALA A 21 -11.67 -2.00 17.68
N GLU A 22 -10.65 -2.05 16.83
CA GLU A 22 -10.79 -2.53 15.45
C GLU A 22 -11.87 -1.79 14.65
N ARG A 23 -11.92 -0.49 14.90
CA ARG A 23 -12.83 0.44 14.22
C ARG A 23 -12.03 1.24 13.19
N TYR A 24 -11.67 0.58 12.08
CA TYR A 24 -10.71 1.18 11.17
C TYR A 24 -11.27 2.33 10.32
N GLU A 25 -12.56 2.32 9.99
CA GLU A 25 -13.13 3.48 9.30
C GLU A 25 -13.05 4.71 10.21
N ASP A 26 -13.37 4.56 11.50
CA ASP A 26 -13.22 5.66 12.43
C ASP A 26 -11.78 6.10 12.53
N MET A 27 -10.86 5.13 12.62
CA MET A 27 -9.44 5.44 12.74
C MET A 27 -9.00 6.29 11.56
N ALA A 28 -9.41 5.88 10.34
CA ALA A 28 -9.05 6.63 9.15
C ALA A 28 -9.59 8.06 9.15
N ALA A 29 -10.86 8.20 9.57
CA ALA A 29 -11.45 9.52 9.63
C ALA A 29 -10.74 10.43 10.65
N PHE A 30 -10.33 9.85 11.81
CA PHE A 30 -9.57 10.63 12.78
C PHE A 30 -8.23 11.07 12.19
N MET A 31 -7.53 10.13 11.53
CA MET A 31 -6.21 10.44 10.97
C MET A 31 -6.30 11.46 9.81
N LYS A 32 -7.36 11.36 8.97
CA LYS A 32 -7.57 12.36 7.93
C LYS A 32 -7.74 13.74 8.58
N GLY A 33 -8.51 13.80 9.67
CA GLY A 33 -8.67 15.04 10.38
C GLY A 33 -7.34 15.58 10.90
N ALA A 34 -6.52 14.68 11.46
CA ALA A 34 -5.21 15.10 11.93
C ALA A 34 -4.34 15.64 10.81
N VAL A 35 -4.31 14.96 9.65
CA VAL A 35 -3.51 15.46 8.54
C VAL A 35 -3.97 16.86 8.14
N GLU A 36 -5.29 17.05 8.10
CA GLU A 36 -5.86 18.31 7.62
C GLU A 36 -5.62 19.47 8.59
N LYS A 37 -5.07 19.22 9.76
CA LYS A 37 -4.60 20.33 10.60
C LYS A 37 -3.41 21.08 9.99
N GLY A 38 -2.69 20.43 9.06
CA GLY A 38 -1.67 21.11 8.30
C GLY A 38 -0.23 20.91 8.79
N GLU A 39 -0.06 20.33 9.98
CA GLU A 39 1.28 20.07 10.49
C GLU A 39 1.80 18.75 9.93
N GLU A 40 3.12 18.65 9.86
CA GLU A 40 3.74 17.40 9.46
C GLU A 40 3.41 16.29 10.49
N LEU A 41 3.54 15.03 10.08
CA LEU A 41 3.27 13.87 10.93
C LEU A 41 4.59 13.29 11.43
N SER A 42 4.57 12.89 12.71
CA SER A 42 5.66 12.14 13.28
C SER A 42 5.70 10.70 12.72
N CYS A 43 6.77 9.97 13.03
CA CYS A 43 6.84 8.58 12.63
C CYS A 43 5.63 7.76 13.10
N GLU A 44 5.31 7.87 14.39
CA GLU A 44 4.18 7.14 14.92
C GLU A 44 2.88 7.51 14.20
N GLU A 45 2.69 8.82 13.98
CA GLU A 45 1.48 9.28 13.33
C GLU A 45 1.36 8.82 11.87
N ARG A 46 2.50 8.76 11.14
CA ARG A 46 2.50 8.22 9.80
C ARG A 46 2.06 6.77 9.81
N ASN A 47 2.54 6.01 10.81
CA ASN A 47 2.12 4.62 10.91
C ASN A 47 0.62 4.49 11.19
N LEU A 48 0.09 5.33 12.06
CA LEU A 48 -1.35 5.29 12.30
C LEU A 48 -2.17 5.55 11.04
N LEU A 49 -1.75 6.55 10.26
CA LEU A 49 -2.39 6.85 9.00
C LEU A 49 -2.41 5.63 8.06
N SER A 50 -1.22 5.03 7.92
CA SER A 50 -1.08 3.87 7.06
C SER A 50 -1.93 2.69 7.53
N VAL A 51 -1.85 2.36 8.82
CA VAL A 51 -2.63 1.23 9.30
C VAL A 51 -4.12 1.42 9.05
N ALA A 52 -4.61 2.64 9.34
CA ALA A 52 -6.04 2.91 9.21
C ALA A 52 -6.53 2.64 7.78
N TYR A 53 -5.90 3.30 6.81
CA TYR A 53 -6.35 3.17 5.43
C TYR A 53 -6.05 1.80 4.84
N LYS A 54 -4.96 1.15 5.29
CA LYS A 54 -4.68 -0.20 4.80
C LYS A 54 -5.80 -1.16 5.15
N ASN A 55 -6.30 -1.06 6.38
CA ASN A 55 -7.36 -1.92 6.83
C ASN A 55 -8.67 -1.58 6.12
N VAL A 56 -8.99 -0.28 5.93
CA VAL A 56 -10.21 0.04 5.19
C VAL A 56 -10.14 -0.48 3.76
N VAL A 57 -9.09 -0.13 3.02
CA VAL A 57 -9.03 -0.54 1.62
CA VAL A 57 -9.04 -0.54 1.62
C VAL A 57 -8.86 -2.05 1.53
N GLY A 58 -8.23 -2.68 2.54
CA GLY A 58 -8.07 -4.12 2.47
C GLY A 58 -9.39 -4.85 2.49
N GLY A 59 -10.33 -4.39 3.32
CA GLY A 59 -11.65 -4.97 3.32
C GLY A 59 -12.39 -4.77 2.00
N GLN A 60 -12.22 -3.58 1.43
CA GLN A 60 -12.86 -3.29 0.15
C GLN A 60 -12.28 -4.16 -0.98
N ARG A 61 -10.95 -4.32 -0.99
CA ARG A 61 -10.29 -5.14 -2.00
C ARG A 61 -10.76 -6.58 -1.90
N ALA A 62 -10.81 -7.11 -0.67
CA ALA A 62 -11.27 -8.48 -0.51
C ALA A 62 -12.69 -8.67 -1.01
N ALA A 63 -13.57 -7.70 -0.71
CA ALA A 63 -14.96 -7.77 -1.16
C ALA A 63 -15.05 -7.70 -2.69
N TRP A 64 -14.26 -6.79 -3.26
CA TRP A 64 -14.22 -6.64 -4.71
C TRP A 64 -13.81 -7.95 -5.39
N ARG A 65 -12.80 -8.62 -4.84
CA ARG A 65 -12.33 -9.86 -5.43
CA ARG A 65 -12.33 -9.87 -5.41
C ARG A 65 -13.42 -10.94 -5.38
N VAL A 66 -14.16 -11.00 -4.28
CA VAL A 66 -15.24 -11.97 -4.18
C VAL A 66 -16.26 -11.71 -5.29
N LEU A 67 -16.69 -10.44 -5.39
CA LEU A 67 -17.71 -10.05 -6.35
C LEU A 67 -17.28 -10.18 -7.80
N SER A 68 -16.01 -9.82 -8.08
N SER A 68 -16.02 -9.83 -8.09
CA SER A 68 -15.46 -9.98 -9.42
CA SER A 68 -15.49 -10.00 -9.44
C SER A 68 -15.45 -11.45 -9.84
C SER A 68 -15.47 -11.48 -9.85
N SER A 69 -15.12 -12.36 -8.91
CA SER A 69 -15.08 -13.78 -9.24
C SER A 69 -16.47 -14.30 -9.58
N ILE A 70 -17.49 -13.85 -8.83
CA ILE A 70 -18.87 -14.24 -9.11
C ILE A 70 -19.31 -13.70 -10.48
N GLU A 71 -18.92 -12.46 -10.79
CA GLU A 71 -19.26 -11.84 -12.05
C GLU A 71 -18.60 -12.57 -13.22
N GLN A 72 -17.31 -12.92 -13.08
CA GLN A 72 -16.65 -13.68 -14.12
C GLN A 72 -17.33 -15.02 -14.37
N LYS A 73 -17.76 -15.70 -13.30
CA LYS A 73 -18.41 -17.00 -13.47
C LYS A 73 -19.77 -16.84 -14.17
N SER A 74 -20.49 -15.76 -13.86
CA SER A 74 -21.74 -15.44 -14.54
C SER A 74 -21.57 -15.28 -16.05
N ASN A 75 -20.38 -14.86 -16.48
CA ASN A 75 -20.14 -14.64 -17.90
C ASN A 75 -19.60 -15.85 -18.64
N GLU A 76 -19.48 -17.01 -17.96
CA GLU A 76 -19.11 -18.24 -18.64
C GLU A 76 -20.26 -18.79 -19.50
N GLU A 77 -19.89 -19.60 -20.49
CA GLU A 77 -20.88 -20.30 -21.30
C GLU A 77 -21.60 -21.31 -20.42
N GLY A 78 -22.93 -21.41 -20.57
CA GLY A 78 -23.74 -22.32 -19.77
C GLY A 78 -24.25 -21.71 -18.46
N SER A 79 -23.75 -20.51 -18.11
CA SER A 79 -24.22 -19.80 -16.93
C SER A 79 -25.56 -19.15 -17.23
N GLU A 80 -26.52 -19.32 -16.32
CA GLU A 80 -27.86 -18.79 -16.47
C GLU A 80 -27.81 -17.28 -16.26
N GLU A 81 -28.57 -16.53 -17.07
CA GLU A 81 -28.66 -15.08 -16.96
C GLU A 81 -29.36 -14.68 -15.66
N LYS A 82 -28.72 -13.79 -14.89
CA LYS A 82 -29.25 -13.42 -13.58
C LYS A 82 -29.53 -11.93 -13.44
N GLY A 83 -29.42 -11.20 -14.56
CA GLY A 83 -29.69 -9.78 -14.51
C GLY A 83 -28.46 -8.95 -14.15
N PRO A 84 -28.69 -7.65 -13.91
CA PRO A 84 -27.61 -6.68 -13.72
C PRO A 84 -27.06 -6.60 -12.30
N GLU A 85 -27.60 -7.38 -11.37
CA GLU A 85 -27.32 -7.11 -9.96
C GLU A 85 -25.86 -7.38 -9.56
N VAL A 86 -25.24 -8.45 -10.06
CA VAL A 86 -23.85 -8.70 -9.68
C VAL A 86 -22.94 -7.58 -10.15
N ARG A 87 -23.08 -7.21 -11.43
CA ARG A 87 -22.31 -6.08 -11.94
C ARG A 87 -22.57 -4.80 -11.14
N GLU A 88 -23.85 -4.47 -10.89
CA GLU A 88 -24.15 -3.26 -10.13
C GLU A 88 -23.46 -3.26 -8.77
N TYR A 89 -23.53 -4.39 -8.05
CA TYR A 89 -22.98 -4.37 -6.71
C TYR A 89 -21.45 -4.38 -6.73
N ARG A 90 -20.85 -5.10 -7.68
CA ARG A 90 -19.40 -4.97 -7.88
C ARG A 90 -18.98 -3.53 -8.15
N GLU A 91 -19.76 -2.86 -9.01
CA GLU A 91 -19.49 -1.46 -9.32
C GLU A 91 -19.65 -0.56 -8.09
N LYS A 92 -20.59 -0.86 -7.23
CA LYS A 92 -20.76 -0.08 -6.00
C LYS A 92 -19.52 -0.19 -5.12
N VAL A 93 -19.10 -1.41 -4.88
CA VAL A 93 -17.91 -1.63 -4.07
C VAL A 93 -16.68 -0.99 -4.71
N GLU A 94 -16.57 -1.14 -6.05
CA GLU A 94 -15.45 -0.57 -6.77
C GLU A 94 -15.39 0.95 -6.61
N THR A 95 -16.54 1.59 -6.74
CA THR A 95 -16.57 3.04 -6.65
C THR A 95 -16.19 3.50 -5.24
N GLU A 96 -16.62 2.77 -4.20
CA GLU A 96 -16.24 3.13 -2.85
CA GLU A 96 -16.25 3.11 -2.84
C GLU A 96 -14.74 2.94 -2.62
N LEU A 97 -14.18 1.84 -3.16
CA LEU A 97 -12.74 1.63 -3.10
C LEU A 97 -11.96 2.76 -3.78
N GLN A 98 -12.38 3.11 -4.99
CA GLN A 98 -11.72 4.19 -5.71
C GLN A 98 -11.78 5.48 -4.89
N GLY A 99 -12.93 5.73 -4.25
CA GLY A 99 -13.04 6.90 -3.42
C GLY A 99 -12.07 6.95 -2.26
N VAL A 100 -11.84 5.82 -1.59
CA VAL A 100 -10.87 5.78 -0.51
C VAL A 100 -9.46 6.02 -1.07
N CYS A 101 -9.12 5.37 -2.19
CA CYS A 101 -7.83 5.62 -2.80
C CYS A 101 -7.63 7.08 -3.17
N ASP A 102 -8.66 7.71 -3.76
CA ASP A 102 -8.58 9.12 -4.12
C ASP A 102 -8.43 10.02 -2.89
N THR A 103 -9.04 9.62 -1.77
CA THR A 103 -8.90 10.38 -0.53
C THR A 103 -7.45 10.34 -0.04
N VAL A 104 -6.86 9.13 -0.02
CA VAL A 104 -5.47 9.00 0.44
C VAL A 104 -4.53 9.78 -0.48
N LEU A 105 -4.69 9.58 -1.81
CA LEU A 105 -3.87 10.31 -2.76
C LEU A 105 -3.97 11.82 -2.58
N GLY A 106 -5.20 12.27 -2.30
CA GLY A 106 -5.41 13.68 -2.06
C GLY A 106 -4.69 14.23 -0.83
N LEU A 107 -4.63 13.44 0.25
CA LEU A 107 -3.89 13.84 1.43
C LEU A 107 -2.41 13.93 1.11
N LEU A 108 -1.90 12.93 0.34
CA LEU A 108 -0.50 12.94 -0.02
C LEU A 108 -0.15 14.17 -0.86
N ASP A 109 -1.05 14.52 -1.79
CA ASP A 109 -0.81 15.65 -2.68
C ASP A 109 -1.05 17.00 -2.01
N SER A 110 -1.81 17.05 -0.91
CA SER A 110 -2.23 18.29 -0.28
C SER A 110 -2.16 18.13 1.23
N HIS A 111 -0.96 18.18 1.85
CA HIS A 111 0.32 18.56 1.27
C HIS A 111 1.44 17.72 1.86
N LEU A 112 1.17 16.44 2.16
CA LEU A 112 2.15 15.66 2.89
C LEU A 112 3.48 15.50 2.15
N ILE A 113 3.44 15.11 0.87
CA ILE A 113 4.67 14.86 0.14
C ILE A 113 5.52 16.12 0.00
N LYS A 114 4.90 17.25 -0.36
CA LYS A 114 5.70 18.43 -0.64
C LYS A 114 6.40 18.95 0.61
N GLU A 115 5.86 18.70 1.81
CA GLU A 115 6.45 19.17 3.05
CA GLU A 115 6.52 19.20 3.01
C GLU A 115 7.49 18.19 3.63
N ALA A 116 7.54 16.95 3.07
CA ALA A 116 8.39 15.89 3.60
C ALA A 116 9.81 15.95 3.03
N GLY A 117 10.76 16.33 3.86
CA GLY A 117 12.15 16.53 3.46
C GLY A 117 13.11 15.45 3.92
N ASP A 118 12.80 14.84 5.04
CA ASP A 118 13.65 13.79 5.54
C ASP A 118 13.38 12.54 4.73
N ALA A 119 14.42 11.71 4.55
CA ALA A 119 14.25 10.52 3.75
C ALA A 119 13.17 9.58 4.28
N GLU A 120 13.10 9.42 5.61
CA GLU A 120 12.16 8.47 6.17
C GLU A 120 10.75 8.91 5.83
N SER A 121 10.45 10.21 5.93
CA SER A 121 9.09 10.63 5.66
CA SER A 121 9.10 10.68 5.65
C SER A 121 8.78 10.60 4.16
N ARG A 122 9.70 11.14 3.35
CA ARG A 122 9.48 11.21 1.91
C ARG A 122 9.30 9.84 1.27
N VAL A 123 10.15 8.88 1.67
CA VAL A 123 10.03 7.52 1.15
C VAL A 123 8.70 6.90 1.59
N PHE A 124 8.35 7.08 2.88
CA PHE A 124 7.09 6.56 3.38
C PHE A 124 5.90 7.00 2.53
N TYR A 125 5.83 8.31 2.26
CA TYR A 125 4.71 8.87 1.52
C TYR A 125 4.69 8.47 0.05
N LEU A 126 5.88 8.44 -0.57
CA LEU A 126 5.95 8.02 -1.95
C LEU A 126 5.59 6.54 -2.11
N LYS A 127 6.00 5.68 -1.16
CA LYS A 127 5.53 4.30 -1.13
C LYS A 127 4.01 4.25 -1.03
N MET A 128 3.41 5.05 -0.14
CA MET A 128 1.97 5.05 -0.04
CA MET A 128 1.96 5.05 -0.03
C MET A 128 1.30 5.47 -1.35
N LYS A 129 1.88 6.47 -2.03
CA LYS A 129 1.37 6.91 -3.31
C LYS A 129 1.37 5.74 -4.32
N GLY A 130 2.50 5.03 -4.38
CA GLY A 130 2.56 3.87 -5.23
C GLY A 130 1.52 2.79 -4.90
N ASP A 131 1.37 2.53 -3.60
CA ASP A 131 0.43 1.52 -3.14
C ASP A 131 -1.00 1.84 -3.57
N TYR A 132 -1.44 3.12 -3.35
CA TYR A 132 -2.83 3.46 -3.63
C TYR A 132 -3.10 3.57 -5.13
N TYR A 133 -2.10 4.00 -5.92
CA TYR A 133 -2.26 3.82 -7.36
C TYR A 133 -2.30 2.34 -7.78
N ARG A 134 -1.51 1.49 -7.09
CA ARG A 134 -1.60 0.07 -7.36
C ARG A 134 -3.00 -0.50 -7.11
N TYR A 135 -3.63 -0.09 -5.99
CA TYR A 135 -4.98 -0.56 -5.74
C TYR A 135 -5.95 -0.05 -6.80
N LEU A 136 -5.78 1.20 -7.26
CA LEU A 136 -6.59 1.68 -8.39
C LEU A 136 -6.36 0.81 -9.64
N ALA A 137 -5.10 0.42 -9.86
CA ALA A 137 -4.77 -0.38 -11.03
C ALA A 137 -5.42 -1.75 -11.00
N GLU A 138 -5.56 -2.33 -9.80
CA GLU A 138 -6.16 -3.65 -9.67
C GLU A 138 -7.58 -3.70 -10.23
N VAL A 139 -8.32 -2.59 -10.20
CA VAL A 139 -9.70 -2.55 -10.66
C VAL A 139 -9.91 -1.80 -11.97
N ALA A 140 -8.84 -1.23 -12.51
CA ALA A 140 -8.91 -0.46 -13.74
C ALA A 140 -9.00 -1.33 -14.98
N THR A 141 -9.79 -0.88 -15.96
CA THR A 141 -9.94 -1.57 -17.23
C THR A 141 -9.69 -0.59 -18.38
N GLY A 142 -8.58 -0.79 -19.10
CA GLY A 142 -8.30 -0.07 -20.34
C GLY A 142 -6.88 0.46 -20.48
N ASP A 143 -6.74 1.68 -21.04
CA ASP A 143 -5.44 2.37 -21.04
C ASP A 143 -5.50 3.61 -20.13
N ASP A 144 -6.71 4.02 -19.75
CA ASP A 144 -6.93 4.56 -18.42
C ASP A 144 -6.00 3.86 -17.39
N LYS A 145 -6.14 2.53 -17.45
CA LYS A 145 -5.26 1.61 -16.76
C LYS A 145 -3.79 1.93 -16.99
N LYS A 146 -3.39 2.27 -18.22
CA LYS A 146 -1.99 2.51 -18.50
C LYS A 146 -1.46 3.70 -17.70
N ARG A 147 -2.24 4.77 -17.61
CA ARG A 147 -1.75 5.96 -16.95
C ARG A 147 -1.72 5.69 -15.44
N ILE A 148 -2.68 4.91 -14.90
CA ILE A 148 -2.66 4.58 -13.48
C ILE A 148 -1.44 3.73 -13.14
N ILE A 149 -1.17 2.73 -13.96
CA ILE A 149 0.00 1.90 -13.77
C ILE A 149 1.27 2.74 -13.81
N ASP A 150 1.35 3.68 -14.76
CA ASP A 150 2.55 4.51 -14.80
C ASP A 150 2.71 5.41 -13.58
N SER A 151 1.60 5.90 -13.03
CA SER A 151 1.64 6.69 -11.81
C SER A 151 2.16 5.88 -10.63
N ALA A 152 1.68 4.64 -10.51
CA ALA A 152 2.24 3.78 -9.47
C ALA A 152 3.74 3.58 -9.64
N ARG A 153 4.13 3.20 -10.85
CA ARG A 153 5.52 2.93 -11.14
CA ARG A 153 5.52 2.93 -11.13
C ARG A 153 6.40 4.13 -10.79
N SER A 154 5.98 5.33 -11.21
CA SER A 154 6.75 6.54 -11.00
C SER A 154 6.95 6.85 -9.51
N ALA A 155 5.87 6.71 -8.74
CA ALA A 155 5.99 6.93 -7.31
C ALA A 155 6.95 5.93 -6.63
N TYR A 156 6.76 4.65 -6.94
CA TYR A 156 7.66 3.65 -6.42
C TYR A 156 9.12 3.91 -6.81
N GLN A 157 9.34 4.31 -8.07
CA GLN A 157 10.71 4.50 -8.54
C GLN A 157 11.38 5.68 -7.83
N GLU A 158 10.63 6.79 -7.63
CA GLU A 158 11.21 7.90 -6.88
C GLU A 158 11.53 7.49 -5.44
N ALA A 159 10.66 6.72 -4.81
CA ALA A 159 10.90 6.24 -3.46
C ALA A 159 12.14 5.34 -3.42
N MET A 160 12.28 4.45 -4.41
CA MET A 160 13.42 3.55 -4.46
C MET A 160 14.71 4.34 -4.60
N ASP A 161 14.72 5.35 -5.48
CA ASP A 161 15.94 6.12 -5.71
C ASP A 161 16.39 6.81 -4.42
N ILE A 162 15.45 7.42 -3.68
CA ILE A 162 15.81 8.05 -2.42
C ILE A 162 16.29 7.01 -1.40
N SER A 163 15.53 5.91 -1.29
CA SER A 163 15.84 4.94 -0.26
C SER A 163 17.25 4.34 -0.46
N LYS A 164 17.63 4.09 -1.71
CA LYS A 164 18.95 3.53 -1.97
C LYS A 164 20.07 4.50 -1.63
N LYS A 165 19.83 5.80 -1.81
CA LYS A 165 20.83 6.79 -1.48
C LYS A 165 20.93 7.12 0.01
N GLU A 166 19.78 7.09 0.69
CA GLU A 166 19.69 7.65 2.03
C GLU A 166 19.48 6.70 3.21
N MET A 167 19.14 5.43 2.95
CA MET A 167 18.79 4.47 3.98
C MET A 167 19.61 3.20 3.86
N PRO A 168 19.93 2.52 4.99
CA PRO A 168 20.61 1.24 4.93
C PRO A 168 19.71 0.17 4.33
N PRO A 169 20.29 -0.89 3.76
CA PRO A 169 19.50 -1.91 3.09
C PRO A 169 18.60 -2.73 4.01
N THR A 170 18.78 -2.61 5.34
CA THR A 170 17.91 -3.24 6.32
C THR A 170 16.78 -2.37 6.82
N ASN A 171 16.75 -1.09 6.45
CA ASN A 171 15.71 -0.22 6.98
C ASN A 171 14.32 -0.77 6.66
N PRO A 172 13.39 -0.96 7.61
CA PRO A 172 12.11 -1.55 7.33
C PRO A 172 11.25 -0.83 6.30
N ILE A 173 11.36 0.49 6.22
CA ILE A 173 10.62 1.21 5.21
CA ILE A 173 10.62 1.22 5.21
C ILE A 173 11.16 0.84 3.83
N ARG A 174 12.48 0.91 3.68
CA ARG A 174 13.10 0.51 2.43
C ARG A 174 12.72 -0.92 2.02
N LEU A 175 12.76 -1.86 2.98
CA LEU A 175 12.40 -3.24 2.71
C LEU A 175 10.95 -3.41 2.30
N GLY A 176 10.03 -2.72 2.99
CA GLY A 176 8.62 -2.83 2.65
C GLY A 176 8.29 -2.18 1.31
N LEU A 177 9.02 -1.10 0.96
CA LEU A 177 8.90 -0.47 -0.35
C LEU A 177 9.30 -1.46 -1.43
N ALA A 178 10.47 -2.09 -1.29
CA ALA A 178 10.97 -3.04 -2.28
C ALA A 178 10.04 -4.24 -2.42
N LEU A 179 9.53 -4.72 -1.28
CA LEU A 179 8.55 -5.81 -1.30
C LEU A 179 7.34 -5.40 -2.16
N ASN A 180 6.77 -4.23 -1.88
CA ASN A 180 5.55 -3.80 -2.59
C ASN A 180 5.82 -3.49 -4.06
N PHE A 181 6.98 -2.91 -4.37
CA PHE A 181 7.30 -2.65 -5.77
C PHE A 181 7.48 -3.98 -6.52
N SER A 182 8.03 -5.01 -5.86
CA SER A 182 8.16 -6.33 -6.49
CA SER A 182 8.14 -6.33 -6.45
C SER A 182 6.76 -6.91 -6.76
N VAL A 183 5.82 -6.78 -5.81
CA VAL A 183 4.44 -7.20 -6.05
C VAL A 183 3.81 -6.45 -7.22
N PHE A 184 4.03 -5.11 -7.27
CA PHE A 184 3.61 -4.35 -8.45
C PHE A 184 4.12 -4.99 -9.74
N HIS A 185 5.41 -5.30 -9.80
CA HIS A 185 5.94 -5.89 -11.03
C HIS A 185 5.25 -7.20 -11.39
N TYR A 186 5.05 -8.05 -10.37
CA TYR A 186 4.49 -9.38 -10.63
C TYR A 186 3.00 -9.35 -10.97
N GLU A 187 2.23 -8.58 -10.21
CA GLU A 187 0.78 -8.63 -10.26
C GLU A 187 0.15 -7.62 -11.21
N ILE A 188 0.83 -6.47 -11.38
CA ILE A 188 0.24 -5.37 -12.14
C ILE A 188 0.91 -5.17 -13.50
N ALA A 189 2.26 -5.14 -13.49
CA ALA A 189 3.02 -4.76 -14.67
C ALA A 189 3.41 -5.93 -15.58
N ASN A 190 2.96 -7.15 -15.25
CA ASN A 190 3.25 -8.31 -16.08
C ASN A 190 4.76 -8.48 -16.28
N SER A 191 5.53 -8.27 -15.22
CA SER A 191 6.99 -8.35 -15.25
C SER A 191 7.51 -9.27 -14.16
N PRO A 192 7.18 -10.59 -14.21
CA PRO A 192 7.57 -11.50 -13.13
C PRO A 192 9.10 -11.56 -12.96
N GLU A 193 9.87 -11.47 -14.03
CA GLU A 193 11.31 -11.56 -13.88
C GLU A 193 11.86 -10.36 -13.10
N GLU A 194 11.32 -9.16 -13.37
CA GLU A 194 11.71 -7.98 -12.63
C GLU A 194 11.35 -8.11 -11.16
N ALA A 195 10.16 -8.66 -10.90
CA ALA A 195 9.73 -8.89 -9.53
C ALA A 195 10.69 -9.82 -8.76
N ILE A 196 11.06 -10.92 -9.41
CA ILE A 196 11.95 -11.90 -8.78
C ILE A 196 13.35 -11.31 -8.56
N SER A 197 13.89 -10.59 -9.56
CA SER A 197 15.20 -9.96 -9.43
CA SER A 197 15.20 -9.98 -9.42
C SER A 197 15.24 -8.97 -8.27
N LEU A 198 14.19 -8.14 -8.20
CA LEU A 198 14.14 -7.15 -7.15
C LEU A 198 14.06 -7.81 -5.78
N ALA A 199 13.19 -8.82 -5.63
CA ALA A 199 13.08 -9.47 -4.33
C ALA A 199 14.40 -10.12 -3.91
N LYS A 200 15.06 -10.81 -4.83
CA LYS A 200 16.34 -11.45 -4.56
CA LYS A 200 16.32 -11.45 -4.53
C LYS A 200 17.43 -10.47 -4.15
N THR A 201 17.62 -9.41 -4.96
CA THR A 201 18.64 -8.42 -4.68
CA THR A 201 18.67 -8.46 -4.65
C THR A 201 18.39 -7.76 -3.32
N THR A 202 17.12 -7.42 -3.08
CA THR A 202 16.78 -6.77 -1.81
C THR A 202 17.11 -7.68 -0.63
N PHE A 203 16.69 -8.96 -0.72
CA PHE A 203 16.94 -9.93 0.37
C PHE A 203 18.44 -10.05 0.64
N ASP A 204 19.23 -10.20 -0.41
CA ASP A 204 20.65 -10.46 -0.28
C ASP A 204 21.38 -9.26 0.30
N GLU A 205 21.02 -8.06 -0.13
CA GLU A 205 21.69 -6.87 0.39
C GLU A 205 21.32 -6.62 1.85
N ALA A 206 20.09 -6.97 2.24
CA ALA A 206 19.71 -6.84 3.62
C ALA A 206 20.46 -7.89 4.48
N MET A 207 20.53 -9.16 4.01
CA MET A 207 21.24 -10.17 4.76
CA MET A 207 21.27 -10.21 4.71
C MET A 207 22.68 -9.76 5.12
N ALA A 208 23.36 -9.12 4.16
CA ALA A 208 24.72 -8.65 4.34
C ALA A 208 24.89 -7.51 5.34
N ASP A 209 23.80 -6.83 5.69
CA ASP A 209 23.83 -5.73 6.63
C ASP A 209 23.26 -6.04 8.01
N LEU A 210 22.74 -7.26 8.19
CA LEU A 210 22.14 -7.58 9.49
C LEU A 210 23.14 -7.50 10.64
N HIS A 211 24.43 -7.73 10.36
CA HIS A 211 25.44 -7.77 11.40
C HIS A 211 25.59 -6.44 12.14
N THR A 212 25.10 -5.35 11.53
CA THR A 212 25.21 -4.00 12.09
C THR A 212 24.14 -3.68 13.12
N LEU A 213 23.13 -4.55 13.23
CA LEU A 213 21.89 -4.24 13.91
C LEU A 213 21.84 -4.75 15.34
N SER A 214 21.11 -4.03 16.19
CA SER A 214 20.69 -4.53 17.49
C SER A 214 19.71 -5.70 17.39
N GLU A 215 19.50 -6.40 18.50
CA GLU A 215 18.52 -7.47 18.54
C GLU A 215 17.14 -7.04 18.06
N ASP A 216 16.66 -5.88 18.54
CA ASP A 216 15.33 -5.46 18.18
C ASP A 216 15.25 -5.04 16.70
N SER A 217 16.26 -4.33 16.20
CA SER A 217 16.27 -3.97 14.79
C SER A 217 16.38 -5.20 13.88
N TYR A 218 17.18 -6.18 14.31
CA TYR A 218 17.28 -7.43 13.59
C TYR A 218 15.91 -8.10 13.44
N LYS A 219 15.13 -8.13 14.53
CA LYS A 219 13.80 -8.71 14.46
C LYS A 219 12.91 -7.97 13.46
N ASP A 220 12.93 -6.63 13.47
CA ASP A 220 12.11 -5.84 12.56
C ASP A 220 12.48 -6.11 11.10
N SER A 221 13.78 -6.10 10.80
CA SER A 221 14.21 -6.31 9.42
C SER A 221 13.93 -7.74 8.94
N THR A 222 14.24 -8.75 9.77
CA THR A 222 14.07 -10.13 9.35
C THR A 222 12.61 -10.51 9.12
N LEU A 223 11.69 -9.83 9.81
CA LEU A 223 10.27 -10.05 9.56
C LEU A 223 9.92 -9.76 8.10
N ILE A 224 10.38 -8.61 7.60
CA ILE A 224 10.06 -8.26 6.23
C ILE A 224 10.85 -9.10 5.24
N MET A 225 12.12 -9.39 5.57
CA MET A 225 12.88 -10.28 4.70
C MET A 225 12.17 -11.61 4.48
N GLN A 226 11.50 -12.12 5.51
CA GLN A 226 10.77 -13.37 5.37
C GLN A 226 9.65 -13.24 4.34
N LEU A 227 9.00 -12.08 4.26
CA LEU A 227 7.98 -11.90 3.25
C LEU A 227 8.55 -11.91 1.84
N LEU A 228 9.74 -11.31 1.65
CA LEU A 228 10.41 -11.40 0.37
C LEU A 228 10.65 -12.87 0.01
N ARG A 229 11.16 -13.65 0.99
CA ARG A 229 11.42 -15.07 0.77
C ARG A 229 10.14 -15.84 0.44
N ASP A 230 9.04 -15.52 1.14
CA ASP A 230 7.77 -16.18 0.87
C ASP A 230 7.30 -15.93 -0.56
N ASN A 231 7.44 -14.68 -1.02
CA ASN A 231 7.10 -14.40 -2.41
C ASN A 231 8.00 -15.13 -3.39
N LEU A 232 9.32 -15.13 -3.14
CA LEU A 232 10.22 -15.86 -4.02
C LEU A 232 9.83 -17.34 -4.11
N THR A 233 9.42 -17.93 -2.98
CA THR A 233 8.98 -19.33 -2.98
C THR A 233 7.72 -19.57 -3.81
N LEU A 234 6.76 -18.62 -3.74
CA LEU A 234 5.56 -18.69 -4.57
C LEU A 234 5.85 -18.54 -6.05
N TRP A 235 6.84 -17.69 -6.37
CA TRP A 235 7.06 -17.25 -7.74
C TRP A 235 8.07 -18.08 -8.51
N THR A 236 8.84 -18.91 -7.80
CA THR A 236 9.87 -19.75 -8.38
C THR A 236 9.71 -21.26 -7.99
N ASP B 1 -1.00 -16.28 -8.85
CA ASP B 1 -0.53 -14.98 -9.35
C ASP B 1 -0.74 -13.84 -8.35
N ARG B 2 -1.95 -13.73 -7.79
CA ARG B 2 -2.30 -12.62 -6.90
C ARG B 2 -1.99 -12.91 -5.43
N SER B 3 -1.48 -14.12 -5.13
CA SER B 3 -1.28 -14.52 -3.76
C SER B 3 -0.02 -13.92 -3.10
N GLY B 4 0.76 -13.14 -3.85
CA GLY B 4 1.97 -12.49 -3.33
C GLY B 4 1.69 -11.52 -2.18
N TYR B 5 2.54 -11.57 -1.17
CA TYR B 5 2.40 -10.85 0.09
C TYR B 5 2.97 -9.45 -0.04
N SEP B 6 2.21 -8.44 0.38
CA SEP B 6 2.70 -7.08 0.44
CB SEP B 6 1.75 -6.11 -0.27
OG SEP B 6 0.44 -6.15 0.36
C SEP B 6 2.92 -6.72 1.89
O SEP B 6 2.63 -7.53 2.79
P SEP B 6 -0.75 -5.29 -0.29
O1P SEP B 6 -1.02 -5.82 -1.69
O2P SEP B 6 -0.26 -3.84 -0.31
O3P SEP B 6 -1.89 -5.55 0.66
N SER B 7 3.44 -5.52 2.12
CA SER B 7 3.92 -5.16 3.43
CA SER B 7 3.91 -5.13 3.43
C SER B 7 2.73 -5.07 4.39
N PRO B 8 2.89 -5.62 5.62
CA PRO B 8 1.82 -5.56 6.62
C PRO B 8 1.82 -4.26 7.39
CL CL C . -25.82 -1.97 -5.75
CA CA D . 9.42 19.35 6.31
CA CA E . -31.87 -10.51 -11.15
CA CA F . -16.16 1.18 -12.44
CA CA G . -29.70 -23.16 -17.84
CA CA H . -5.94 23.50 19.00
CA CA I . 5.11 23.67 8.00
CA CA J . -1.07 -10.15 -3.57
#